data_3H24
#
_entry.id   3H24
#
_cell.length_a   97.461
_cell.length_b   97.461
_cell.length_c   263.958
_cell.angle_alpha   90.00
_cell.angle_beta   90.00
_cell.angle_gamma   120.00
#
_symmetry.space_group_name_H-M   'P 62 2 2'
#
loop_
_entity.id
_entity.type
_entity.pdbx_description
1 polymer 'Dihydropteroate synthase'
2 non-polymer 2-amino-8-sulfanyl-1,9-dihydro-6H-purin-6-one
3 non-polymer 'SULFATE ION'
4 water water
#
_entity_poly.entity_id   1
_entity_poly.type   'polypeptide(L)'
_entity_poly.pdbx_seq_one_letter_code
;MGSSHHHHHHSSGLVPRGSHMKWDYDLRCGEYTLNLNEKTLIMGILNVTPDSFSDGGSYNEVDAAVRHAKEMRDEGAHII
DIGGESTRPGFAKVSVEEEIKRVVPMIQAVSKEVKLPISIDTYKAEVAKQAIEAGAHIINDIWGAKAEPKIAEVAAHYDV
PIILMHNRDNMNYRNLMADMIADLYDSIKIAKDAGVRDENIILDPGIGFAKTPEQNLEAMRNLEQLNVLGYPVLLGTSRK
SFIGHVLDLPVEERLEGTGATVCLGIEKGCEFVRVHDVKEMSRMAKMMDAMIGKGVK
;
_entity_poly.pdbx_strand_id   A,B
#
# COMPACT_ATOMS: atom_id res chain seq x y z
N LYS A 22 -7.43 12.52 -39.83
CA LYS A 22 -7.56 11.02 -39.99
C LYS A 22 -8.63 10.26 -39.13
N TRP A 23 -8.54 10.19 -37.80
CA TRP A 23 -9.73 9.71 -37.04
C TRP A 23 -10.58 10.90 -36.76
N ASP A 24 -11.88 10.80 -36.92
CA ASP A 24 -12.67 12.03 -36.80
C ASP A 24 -13.31 12.15 -35.42
N TYR A 25 -12.85 11.27 -34.53
CA TYR A 25 -13.46 11.03 -33.23
C TYR A 25 -12.31 10.70 -32.28
N ASP A 26 -12.51 10.91 -30.97
CA ASP A 26 -11.55 10.48 -29.92
C ASP A 26 -12.06 9.27 -29.17
N LEU A 27 -11.13 8.52 -28.58
CA LEU A 27 -11.52 7.49 -27.66
C LEU A 27 -12.06 8.13 -26.39
N ARG A 28 -13.27 7.74 -26.02
CA ARG A 28 -13.96 8.25 -24.85
C ARG A 28 -13.83 7.26 -23.70
N CYS A 29 -13.25 7.71 -22.60
CA CYS A 29 -12.92 6.80 -21.52
C CYS A 29 -13.32 7.51 -20.26
N GLY A 30 -14.62 7.46 -19.97
CA GLY A 30 -15.18 8.13 -18.75
C GLY A 30 -14.59 9.50 -18.52
N GLU A 31 -13.85 9.62 -17.44
CA GLU A 31 -13.11 10.84 -17.15
C GLU A 31 -11.97 11.22 -18.19
N TYR A 32 -11.42 10.26 -18.94
CA TYR A 32 -10.26 10.54 -19.80
C TYR A 32 -10.59 10.49 -21.31
N THR A 33 -9.81 11.24 -22.10
CA THR A 33 -10.04 11.39 -23.54
C THR A 33 -8.76 11.10 -24.29
N LEU A 34 -8.74 10.02 -25.05
CA LEU A 34 -7.51 9.63 -25.76
C LEU A 34 -7.58 10.05 -27.18
N ASN A 35 -6.71 10.99 -27.58
CA ASN A 35 -6.65 11.42 -28.97
C ASN A 35 -5.90 10.40 -29.86
N LEU A 36 -6.49 10.09 -31.00
CA LEU A 36 -5.92 9.06 -31.86
C LEU A 36 -5.06 9.58 -33.01
N ASN A 37 -4.89 10.89 -33.11
CA ASN A 37 -4.23 11.48 -34.26
C ASN A 37 -2.93 12.12 -33.85
N GLU A 38 -2.73 12.21 -32.54
CA GLU A 38 -1.68 13.04 -32.08
C GLU A 38 -0.37 12.25 -31.84
N LYS A 39 -0.46 11.11 -31.19
CA LYS A 39 0.71 10.34 -31.02
C LYS A 39 0.31 8.90 -31.01
N THR A 40 1.22 7.96 -31.27
CA THR A 40 0.98 6.59 -30.93
C THR A 40 0.82 6.52 -29.41
N LEU A 41 -0.28 5.96 -28.93
CA LEU A 41 -0.60 5.85 -27.52
C LEU A 41 0.04 4.60 -26.93
N ILE A 42 0.62 4.76 -25.75
CA ILE A 42 1.39 3.72 -25.16
C ILE A 42 0.60 3.07 -24.07
N MET A 43 0.40 1.77 -24.18
CA MET A 43 -0.27 1.07 -23.09
C MET A 43 0.74 0.28 -22.32
N GLY A 44 0.77 0.48 -21.01
CA GLY A 44 1.75 -0.09 -20.08
C GLY A 44 1.26 -1.38 -19.48
N ILE A 45 2.03 -2.44 -19.58
CA ILE A 45 1.52 -3.71 -19.10
C ILE A 45 1.76 -3.72 -17.62
N LEU A 46 0.70 -3.79 -16.81
CA LEU A 46 0.88 -3.97 -15.34
C LEU A 46 0.99 -5.44 -14.99
N ASN A 47 2.12 -5.77 -14.38
CA ASN A 47 2.44 -7.15 -13.98
C ASN A 47 1.94 -7.40 -12.54
N VAL A 48 0.94 -8.29 -12.41
CA VAL A 48 0.30 -8.65 -11.12
C VAL A 48 1.09 -9.76 -10.41
N THR A 49 1.71 -9.44 -9.28
CA THR A 49 2.47 -10.46 -8.56
C THR A 49 1.64 -10.86 -7.34
N PRO A 50 0.89 -11.99 -7.43
CA PRO A 50 0.01 -12.31 -6.31
C PRO A 50 0.79 -12.83 -5.08
N ASP A 51 0.42 -12.31 -3.90
CA ASP A 51 0.85 -12.85 -2.63
C ASP A 51 0.48 -14.32 -2.58
N SER A 52 1.41 -15.15 -2.13
CA SER A 52 1.17 -16.59 -2.03
C SER A 52 0.30 -16.92 -0.84
N PHE A 53 0.27 -15.99 0.12
CA PHE A 53 -0.27 -16.26 1.45
C PHE A 53 -1.73 -15.76 1.58
N SER A 54 -2.24 -15.09 0.54
CA SER A 54 -3.67 -14.74 0.46
C SER A 54 -4.26 -15.05 -0.92
N ASP A 55 -5.57 -14.80 -1.03
CA ASP A 55 -6.29 -14.94 -2.30
C ASP A 55 -6.85 -13.57 -2.78
N GLY A 56 -6.76 -12.57 -1.86
CA GLY A 56 -7.39 -11.22 -2.01
C GLY A 56 -6.56 -10.03 -2.46
N GLY A 57 -6.65 -8.92 -1.71
CA GLY A 57 -5.96 -7.68 -2.05
C GLY A 57 -5.14 -7.13 -0.89
N SER A 58 -4.12 -7.89 -0.51
CA SER A 58 -3.30 -7.59 0.67
C SER A 58 -2.31 -6.52 0.30
N TYR A 59 -1.59 -6.00 1.29
CA TYR A 59 -0.77 -4.79 1.08
C TYR A 59 0.29 -4.95 -0.02
N ASN A 60 1.04 -6.06 0.02
CA ASN A 60 2.15 -6.23 -0.93
C ASN A 60 1.76 -6.25 -2.43
N GLU A 61 0.77 -7.06 -2.84
CA GLU A 61 0.41 -7.12 -4.25
C GLU A 61 -0.05 -5.72 -4.67
N VAL A 62 -0.91 -5.07 -3.85
CA VAL A 62 -1.60 -3.88 -4.32
C VAL A 62 -0.68 -2.68 -4.33
N ASP A 63 0.20 -2.63 -3.33
CA ASP A 63 1.19 -1.54 -3.24
C ASP A 63 2.26 -1.66 -4.36
N ALA A 64 2.77 -2.87 -4.59
CA ALA A 64 3.63 -3.09 -5.75
C ALA A 64 2.89 -2.65 -7.02
N ALA A 65 1.66 -3.13 -7.20
CA ALA A 65 0.88 -2.73 -8.40
C ALA A 65 0.86 -1.20 -8.59
N VAL A 66 0.42 -0.49 -7.52
CA VAL A 66 0.36 0.98 -7.53
C VAL A 66 1.71 1.59 -7.87
N ARG A 67 2.77 1.08 -7.19
CA ARG A 67 4.15 1.50 -7.46
C ARG A 67 4.45 1.40 -8.93
N HIS A 68 4.18 0.25 -9.51
CA HIS A 68 4.52 0.00 -10.88
C HIS A 68 3.77 0.91 -11.83
N ALA A 69 2.50 1.11 -11.51
CA ALA A 69 1.65 1.95 -12.29
C ALA A 69 2.19 3.37 -12.29
N LYS A 70 2.72 3.83 -11.16
CA LYS A 70 3.24 5.20 -11.06
C LYS A 70 4.53 5.33 -11.90
N GLU A 71 5.31 4.28 -11.91
CA GLU A 71 6.56 4.36 -12.61
C GLU A 71 6.24 4.47 -14.11
N MET A 72 5.25 3.71 -14.54
CA MET A 72 4.92 3.68 -15.92
C MET A 72 4.27 4.99 -16.39
N ARG A 73 3.51 5.61 -15.49
CA ARG A 73 2.91 6.91 -15.73
C ARG A 73 4.03 7.96 -15.90
N ASP A 74 5.01 7.93 -15.01
CA ASP A 74 6.15 8.81 -15.19
C ASP A 74 7.04 8.49 -16.40
N GLU A 75 6.87 7.35 -17.05
CA GLU A 75 7.79 7.05 -18.13
C GLU A 75 7.20 7.32 -19.50
N GLY A 76 5.93 7.75 -19.51
CA GLY A 76 5.22 8.04 -20.73
C GLY A 76 3.97 7.21 -21.02
N ALA A 77 3.49 6.40 -20.08
CA ALA A 77 2.33 5.54 -20.44
C ALA A 77 1.05 6.34 -20.44
N HIS A 78 0.18 5.96 -21.38
CA HIS A 78 -1.11 6.62 -21.51
C HIS A 78 -2.29 5.83 -20.97
N ILE A 79 -2.06 4.54 -20.77
CA ILE A 79 -3.08 3.59 -20.32
C ILE A 79 -2.38 2.56 -19.52
N ILE A 80 -2.95 2.19 -18.38
CA ILE A 80 -2.47 1.05 -17.56
C ILE A 80 -3.35 -0.16 -17.85
N ASP A 81 -2.75 -1.23 -18.40
CA ASP A 81 -3.39 -2.53 -18.61
C ASP A 81 -3.16 -3.49 -17.42
N ILE A 82 -4.26 -4.00 -16.87
CA ILE A 82 -4.20 -4.76 -15.64
C ILE A 82 -4.94 -6.05 -15.87
N GLY A 83 -4.23 -7.17 -15.83
CA GLY A 83 -4.81 -8.51 -16.02
C GLY A 83 -4.52 -9.50 -14.90
N GLY A 84 -5.54 -10.23 -14.43
CA GLY A 84 -5.41 -11.16 -13.30
C GLY A 84 -5.10 -12.67 -13.40
N GLU A 85 -5.48 -13.35 -14.49
CA GLU A 85 -5.31 -14.82 -14.65
C GLU A 85 -4.25 -15.26 -15.68
N SER A 86 -4.39 -14.83 -16.96
CA SER A 86 -3.52 -15.22 -18.10
C SER A 86 -1.98 -15.20 -17.88
N THR A 87 -1.22 -15.71 -18.86
CA THR A 87 0.24 -15.94 -18.72
C THR A 87 0.76 -16.90 -19.83
N VAL A 94 -6.59 -20.55 -13.12
CA VAL A 94 -7.40 -19.43 -12.61
C VAL A 94 -8.70 -19.92 -11.94
N SER A 95 -9.41 -19.05 -11.19
CA SER A 95 -10.85 -19.28 -10.97
C SER A 95 -11.69 -18.12 -11.56
N VAL A 96 -12.97 -18.03 -11.21
CA VAL A 96 -13.80 -16.89 -11.67
C VAL A 96 -13.83 -15.91 -10.50
N GLU A 97 -14.24 -16.46 -9.36
CA GLU A 97 -14.29 -15.76 -8.08
C GLU A 97 -12.98 -15.08 -7.72
N GLU A 98 -11.91 -15.84 -7.91
CA GLU A 98 -10.57 -15.42 -7.63
C GLU A 98 -10.10 -14.31 -8.55
N GLU A 99 -10.49 -14.34 -9.82
CA GLU A 99 -10.05 -13.30 -10.72
C GLU A 99 -10.48 -11.94 -10.17
N ILE A 100 -11.74 -11.85 -9.69
CA ILE A 100 -12.29 -10.58 -9.24
C ILE A 100 -11.59 -10.14 -7.97
N LYS A 101 -11.66 -10.98 -6.93
CA LYS A 101 -11.01 -10.70 -5.65
C LYS A 101 -9.55 -10.23 -5.82
N ARG A 102 -8.88 -10.65 -6.88
CA ARG A 102 -7.49 -10.24 -7.12
C ARG A 102 -7.33 -9.09 -8.09
N VAL A 103 -8.25 -8.97 -9.01
CA VAL A 103 -8.19 -7.86 -9.93
C VAL A 103 -8.87 -6.58 -9.39
N VAL A 104 -9.99 -6.75 -8.67
CA VAL A 104 -10.79 -5.61 -8.17
C VAL A 104 -10.02 -4.62 -7.22
N PRO A 105 -9.35 -5.13 -6.15
CA PRO A 105 -8.56 -4.19 -5.33
C PRO A 105 -7.47 -3.41 -6.10
N MET A 106 -6.84 -4.02 -7.08
CA MET A 106 -5.88 -3.24 -7.88
C MET A 106 -6.44 -2.12 -8.75
N ILE A 107 -7.55 -2.37 -9.43
CA ILE A 107 -8.20 -1.28 -10.15
C ILE A 107 -8.58 -0.12 -9.23
N GLN A 108 -9.11 -0.43 -8.04
CA GLN A 108 -9.46 0.61 -7.05
C GLN A 108 -8.25 1.49 -6.72
N ALA A 109 -7.13 0.87 -6.35
CA ALA A 109 -6.00 1.64 -5.87
C ALA A 109 -5.35 2.48 -6.99
N VAL A 110 -5.21 1.88 -8.16
CA VAL A 110 -4.46 2.49 -9.26
C VAL A 110 -5.27 3.60 -9.84
N SER A 111 -6.54 3.32 -10.04
CA SER A 111 -7.56 4.34 -10.22
C SER A 111 -7.44 5.60 -9.34
N LYS A 112 -7.41 5.40 -8.00
CA LYS A 112 -7.36 6.56 -7.06
C LYS A 112 -5.98 7.19 -7.09
N GLU A 113 -4.91 6.28 -7.34
CA GLU A 113 -3.60 6.91 -7.10
C GLU A 113 -2.90 7.33 -8.36
N VAL A 114 -3.32 6.78 -9.50
CA VAL A 114 -2.76 7.18 -10.82
C VAL A 114 -3.83 7.69 -11.79
N LYS A 115 -3.65 8.96 -12.18
CA LYS A 115 -4.57 9.67 -13.10
C LYS A 115 -4.43 9.32 -14.57
N LEU A 116 -4.83 8.08 -14.92
CA LEU A 116 -4.75 7.61 -16.29
C LEU A 116 -5.84 6.56 -16.52
N PRO A 117 -6.40 6.46 -17.76
CA PRO A 117 -7.38 5.39 -18.02
C PRO A 117 -6.80 4.00 -17.79
N ILE A 118 -7.62 3.08 -17.29
CA ILE A 118 -7.15 1.73 -17.05
C ILE A 118 -7.84 0.80 -17.98
N SER A 119 -7.11 -0.11 -18.59
CA SER A 119 -7.83 -1.19 -19.27
C SER A 119 -7.71 -2.43 -18.43
N ILE A 120 -8.65 -3.34 -18.63
CA ILE A 120 -8.73 -4.52 -17.80
C ILE A 120 -8.65 -5.67 -18.77
N ASP A 121 -7.86 -6.68 -18.40
CA ASP A 121 -7.37 -7.68 -19.37
C ASP A 121 -8.00 -9.02 -19.10
N THR A 122 -9.20 -9.22 -19.60
CA THR A 122 -9.94 -10.44 -19.30
C THR A 122 -10.86 -10.78 -20.45
N TYR A 123 -11.25 -12.04 -20.53
CA TYR A 123 -12.17 -12.50 -21.57
C TYR A 123 -13.48 -12.97 -20.93
N LYS A 124 -13.65 -12.64 -19.63
CA LYS A 124 -14.80 -13.09 -18.82
C LYS A 124 -15.79 -11.96 -18.51
N ALA A 125 -17.05 -12.17 -18.81
CA ALA A 125 -18.04 -11.09 -18.72
C ALA A 125 -18.20 -10.57 -17.30
N GLU A 126 -18.27 -11.49 -16.35
CA GLU A 126 -18.44 -11.09 -14.98
C GLU A 126 -17.27 -10.21 -14.51
N VAL A 127 -16.08 -10.68 -14.91
CA VAL A 127 -14.83 -10.11 -14.44
C VAL A 127 -14.82 -8.70 -14.98
N ALA A 128 -15.01 -8.59 -16.29
CA ALA A 128 -15.11 -7.30 -16.92
C ALA A 128 -16.01 -6.34 -16.16
N LYS A 129 -17.26 -6.77 -15.94
CA LYS A 129 -18.28 -5.97 -15.30
C LYS A 129 -17.71 -5.33 -14.04
N GLN A 130 -17.18 -6.25 -13.16
CA GLN A 130 -16.81 -5.81 -11.83
C GLN A 130 -15.66 -4.83 -11.86
N ALA A 131 -14.81 -5.03 -12.88
CA ALA A 131 -13.60 -4.26 -13.11
C ALA A 131 -13.96 -2.86 -13.44
N ILE A 132 -14.93 -2.72 -14.36
CA ILE A 132 -15.41 -1.38 -14.67
C ILE A 132 -16.07 -0.70 -13.48
N GLU A 133 -16.90 -1.44 -12.76
CA GLU A 133 -17.56 -0.80 -11.63
C GLU A 133 -16.53 -0.34 -10.60
N ALA A 134 -15.26 -1.11 -10.78
CA ALA A 134 -14.22 -0.75 -9.82
C ALA A 134 -13.40 0.44 -10.37
N GLY A 135 -13.89 1.14 -11.53
CA GLY A 135 -12.96 2.17 -12.05
C GLY A 135 -12.24 1.83 -13.38
N ALA A 136 -12.20 0.55 -13.83
CA ALA A 136 -11.53 0.25 -15.15
C ALA A 136 -12.27 0.91 -16.33
N HIS A 137 -11.54 1.35 -17.37
CA HIS A 137 -12.17 2.12 -18.49
C HIS A 137 -12.26 1.47 -19.85
N ILE A 138 -11.40 0.51 -20.13
CA ILE A 138 -11.33 -0.09 -21.45
C ILE A 138 -11.45 -1.57 -21.22
N ILE A 139 -12.10 -2.31 -22.08
CA ILE A 139 -11.96 -3.72 -21.87
C ILE A 139 -10.92 -4.27 -22.87
N ASN A 140 -10.13 -5.23 -22.42
CA ASN A 140 -9.13 -5.86 -23.25
C ASN A 140 -9.29 -7.43 -23.40
N ASP A 141 -9.95 -7.88 -24.48
CA ASP A 141 -10.39 -9.30 -24.50
C ASP A 141 -9.55 -10.11 -25.48
N ILE A 142 -8.69 -10.98 -24.99
CA ILE A 142 -7.76 -11.73 -25.84
C ILE A 142 -8.51 -12.79 -26.70
N TRP A 143 -9.81 -12.94 -26.43
CA TRP A 143 -10.61 -13.87 -27.20
C TRP A 143 -11.59 -13.19 -28.11
N GLY A 144 -11.54 -11.86 -28.12
CA GLY A 144 -12.27 -11.09 -29.10
C GLY A 144 -13.75 -11.42 -29.09
N ALA A 145 -14.29 -11.56 -27.89
CA ALA A 145 -15.72 -11.73 -27.70
C ALA A 145 -16.22 -13.12 -28.07
N LYS A 146 -15.29 -13.96 -28.50
CA LYS A 146 -15.64 -15.33 -28.84
C LYS A 146 -15.70 -16.17 -27.56
N ALA A 147 -14.76 -15.90 -26.67
CA ALA A 147 -14.70 -16.36 -25.28
C ALA A 147 -16.05 -16.57 -24.59
N GLU A 148 -16.69 -15.42 -24.36
CA GLU A 148 -17.93 -15.25 -23.64
C GLU A 148 -18.53 -14.03 -24.29
N PRO A 149 -19.42 -14.25 -25.29
CA PRO A 149 -19.97 -13.16 -26.10
C PRO A 149 -20.67 -12.14 -25.23
N LYS A 150 -21.25 -12.63 -24.13
CA LYS A 150 -21.79 -11.74 -23.14
C LYS A 150 -20.86 -10.54 -22.79
N ILE A 151 -19.53 -10.72 -22.93
CA ILE A 151 -18.58 -9.65 -22.59
C ILE A 151 -18.95 -8.37 -23.34
N ALA A 152 -19.34 -8.55 -24.59
CA ALA A 152 -19.60 -7.43 -25.46
C ALA A 152 -20.84 -6.72 -25.01
N GLU A 153 -21.84 -7.47 -24.54
CA GLU A 153 -22.95 -6.81 -23.88
C GLU A 153 -22.53 -5.95 -22.69
N VAL A 154 -21.68 -6.52 -21.80
CA VAL A 154 -21.15 -5.65 -20.73
C VAL A 154 -20.61 -4.42 -21.43
N ALA A 155 -19.66 -4.65 -22.38
CA ALA A 155 -19.01 -3.56 -23.07
C ALA A 155 -19.99 -2.44 -23.44
N ALA A 156 -21.16 -2.84 -23.94
CA ALA A 156 -22.17 -1.91 -24.49
C ALA A 156 -22.91 -1.17 -23.41
N HIS A 157 -23.56 -1.93 -22.52
CA HIS A 157 -24.07 -1.52 -21.20
C HIS A 157 -23.30 -0.36 -20.52
N TYR A 158 -21.94 -0.43 -20.43
CA TYR A 158 -21.18 0.70 -19.82
C TYR A 158 -20.60 1.62 -20.84
N ASP A 159 -20.65 1.22 -22.10
CA ASP A 159 -20.28 2.16 -23.13
C ASP A 159 -18.75 2.41 -23.11
N VAL A 160 -18.01 1.40 -22.69
CA VAL A 160 -16.56 1.49 -22.69
C VAL A 160 -15.90 0.95 -23.97
N PRO A 161 -14.71 1.45 -24.32
CA PRO A 161 -14.07 0.92 -25.54
C PRO A 161 -13.69 -0.49 -25.29
N ILE A 162 -13.79 -1.34 -26.29
CA ILE A 162 -13.41 -2.74 -26.09
C ILE A 162 -12.39 -3.17 -27.13
N ILE A 163 -11.29 -3.76 -26.68
CA ILE A 163 -10.22 -4.16 -27.62
C ILE A 163 -10.49 -5.60 -28.02
N LEU A 164 -10.74 -5.83 -29.30
CA LEU A 164 -10.94 -7.18 -29.80
C LEU A 164 -9.65 -7.78 -30.46
N MET A 165 -9.05 -8.79 -29.82
CA MET A 165 -7.82 -9.40 -30.30
C MET A 165 -8.14 -10.61 -31.10
N HIS A 166 -7.40 -10.76 -32.20
CA HIS A 166 -7.39 -12.01 -32.95
C HIS A 166 -6.85 -13.20 -32.16
N ASN A 167 -7.62 -14.31 -32.17
CA ASN A 167 -7.21 -15.56 -31.50
C ASN A 167 -8.05 -16.73 -32.03
N ARG A 168 -7.64 -17.95 -31.72
CA ARG A 168 -8.37 -19.16 -32.08
C ARG A 168 -7.71 -20.36 -31.40
N ASP A 169 -8.41 -21.49 -31.40
CA ASP A 169 -7.96 -22.60 -30.63
C ASP A 169 -7.33 -23.65 -31.52
N ASN A 170 -6.86 -23.20 -32.67
CA ASN A 170 -6.17 -24.08 -33.60
C ASN A 170 -5.35 -23.15 -34.46
N MET A 171 -4.73 -23.67 -35.53
CA MET A 171 -3.82 -22.85 -36.35
C MET A 171 -3.65 -23.46 -37.73
N ASN A 172 -4.71 -24.06 -38.22
CA ASN A 172 -4.78 -24.51 -39.60
C ASN A 172 -5.38 -23.29 -40.23
N TYR A 173 -4.61 -22.64 -41.07
CA TYR A 173 -5.06 -21.46 -41.73
C TYR A 173 -5.11 -21.78 -43.21
N ARG A 174 -6.19 -21.39 -43.88
CA ARG A 174 -6.21 -21.37 -45.33
C ARG A 174 -5.15 -20.31 -45.72
N ASN A 175 -5.29 -19.10 -45.19
CA ASN A 175 -4.45 -17.99 -45.60
C ASN A 175 -4.33 -16.97 -44.47
N LEU A 176 -3.15 -16.97 -43.84
CA LEU A 176 -2.95 -16.27 -42.60
C LEU A 176 -3.72 -14.95 -42.51
N MET A 177 -3.32 -13.98 -43.31
CA MET A 177 -3.96 -12.70 -43.36
C MET A 177 -5.45 -12.70 -43.64
N ALA A 178 -5.89 -13.46 -44.63
CA ALA A 178 -7.28 -13.40 -45.02
C ALA A 178 -8.15 -13.94 -43.90
N ASP A 179 -7.61 -14.92 -43.18
CA ASP A 179 -8.30 -15.54 -42.07
C ASP A 179 -8.32 -14.57 -40.87
N MET A 180 -7.21 -13.94 -40.54
CA MET A 180 -7.24 -12.99 -39.43
C MET A 180 -8.31 -11.94 -39.63
N ILE A 181 -8.34 -11.36 -40.82
CA ILE A 181 -9.33 -10.37 -41.14
C ILE A 181 -10.74 -10.91 -41.04
N ALA A 182 -11.03 -12.06 -41.65
CA ALA A 182 -12.33 -12.74 -41.45
C ALA A 182 -12.62 -12.86 -39.94
N ASP A 183 -11.68 -13.41 -39.17
CA ASP A 183 -11.92 -13.69 -37.74
C ASP A 183 -12.21 -12.45 -36.96
N LEU A 184 -11.49 -11.39 -37.26
CA LEU A 184 -11.63 -10.16 -36.51
C LEU A 184 -13.00 -9.70 -36.84
N TYR A 185 -13.31 -9.68 -38.13
CA TYR A 185 -14.62 -9.29 -38.51
C TYR A 185 -15.70 -10.07 -37.73
N ASP A 186 -15.55 -11.37 -37.57
CA ASP A 186 -16.52 -12.15 -36.75
C ASP A 186 -16.64 -11.61 -35.31
N SER A 187 -15.56 -11.05 -34.77
CA SER A 187 -15.61 -10.44 -33.46
C SER A 187 -16.41 -9.15 -33.54
N ILE A 188 -16.13 -8.34 -34.54
CA ILE A 188 -16.90 -7.11 -34.74
C ILE A 188 -18.40 -7.38 -34.76
N LYS A 189 -18.80 -8.39 -35.51
CA LYS A 189 -20.24 -8.73 -35.64
C LYS A 189 -20.83 -8.93 -34.26
N ILE A 190 -20.11 -9.67 -33.44
CA ILE A 190 -20.58 -9.94 -32.11
C ILE A 190 -20.65 -8.61 -31.33
N ALA A 191 -19.60 -7.80 -31.39
CA ALA A 191 -19.61 -6.54 -30.66
C ALA A 191 -20.84 -5.72 -31.09
N LYS A 192 -20.97 -5.50 -32.39
CA LYS A 192 -22.00 -4.61 -32.91
C LYS A 192 -23.43 -5.09 -32.57
N ASP A 193 -23.65 -6.41 -32.68
CA ASP A 193 -24.92 -7.04 -32.36
C ASP A 193 -25.17 -7.00 -30.87
N ALA A 194 -24.24 -6.49 -30.09
CA ALA A 194 -24.56 -6.27 -28.71
C ALA A 194 -24.83 -4.80 -28.44
N GLY A 195 -24.75 -3.93 -29.44
CA GLY A 195 -24.85 -2.47 -29.20
C GLY A 195 -23.53 -1.68 -29.09
N VAL A 196 -22.37 -2.35 -29.29
CA VAL A 196 -21.13 -1.61 -29.23
C VAL A 196 -21.07 -0.59 -30.42
N ARG A 197 -20.78 0.73 -30.14
CA ARG A 197 -20.62 1.70 -31.28
C ARG A 197 -19.26 1.50 -31.98
N ASP A 198 -19.24 1.75 -33.29
CA ASP A 198 -17.99 1.61 -34.02
C ASP A 198 -16.86 2.24 -33.22
N GLU A 199 -17.17 3.39 -32.59
CA GLU A 199 -16.13 4.17 -31.90
C GLU A 199 -15.65 3.63 -30.58
N ASN A 200 -16.28 2.57 -30.12
CA ASN A 200 -15.76 1.89 -28.97
C ASN A 200 -15.03 0.65 -29.34
N ILE A 201 -14.84 0.43 -30.65
CA ILE A 201 -14.18 -0.79 -31.09
C ILE A 201 -12.70 -0.61 -31.45
N ILE A 202 -11.81 -1.34 -30.81
CA ILE A 202 -10.40 -1.30 -31.25
C ILE A 202 -9.94 -2.71 -31.66
N LEU A 203 -9.05 -2.86 -32.63
CA LEU A 203 -8.65 -4.23 -32.98
C LEU A 203 -7.19 -4.48 -32.66
N ASP A 204 -6.87 -5.76 -32.51
CA ASP A 204 -5.53 -6.20 -32.16
C ASP A 204 -5.31 -7.47 -32.96
N PRO A 205 -4.21 -7.53 -33.70
CA PRO A 205 -3.89 -8.68 -34.60
C PRO A 205 -3.52 -9.95 -33.78
N GLY A 206 -3.44 -9.81 -32.46
CA GLY A 206 -2.99 -10.89 -31.60
C GLY A 206 -1.72 -11.60 -32.00
N ILE A 207 -0.60 -10.87 -32.11
CA ILE A 207 0.71 -11.49 -32.38
C ILE A 207 1.10 -12.35 -31.17
N GLY A 208 1.65 -13.54 -31.42
CA GLY A 208 2.02 -14.44 -30.36
C GLY A 208 0.92 -15.35 -29.92
N PHE A 209 -0.29 -15.14 -30.42
CA PHE A 209 -1.41 -16.08 -30.19
C PHE A 209 -1.78 -16.85 -31.41
N ALA A 210 -1.97 -18.14 -31.22
CA ALA A 210 -2.46 -19.01 -32.29
C ALA A 210 -1.68 -18.95 -33.63
N LYS A 211 -0.37 -18.68 -33.58
CA LYS A 211 0.41 -18.50 -34.78
C LYS A 211 1.79 -19.11 -34.60
N THR A 212 2.33 -19.76 -35.64
CA THR A 212 3.71 -20.23 -35.59
C THR A 212 4.64 -19.02 -35.52
N PRO A 213 5.92 -19.22 -35.15
CA PRO A 213 6.80 -18.05 -35.21
C PRO A 213 6.74 -17.45 -36.59
N GLU A 214 6.69 -18.30 -37.61
CA GLU A 214 6.61 -17.82 -38.97
C GLU A 214 5.36 -17.02 -39.23
N GLN A 215 4.21 -17.54 -38.86
CA GLN A 215 2.99 -16.80 -39.04
C GLN A 215 3.01 -15.46 -38.33
N ASN A 216 3.58 -15.39 -37.14
CA ASN A 216 3.88 -14.06 -36.47
C ASN A 216 4.67 -13.01 -37.29
N LEU A 217 5.74 -13.44 -37.92
CA LEU A 217 6.48 -12.57 -38.77
C LEU A 217 5.67 -12.10 -39.95
N GLU A 218 4.94 -13.00 -40.60
CA GLU A 218 4.08 -12.66 -41.75
C GLU A 218 3.02 -11.57 -41.33
N ALA A 219 2.36 -11.77 -40.20
CA ALA A 219 1.39 -10.86 -39.73
C ALA A 219 2.09 -9.53 -39.50
N MET A 220 3.26 -9.55 -38.85
CA MET A 220 4.00 -8.31 -38.66
C MET A 220 4.15 -7.69 -40.04
N ARG A 221 4.55 -8.47 -41.00
CA ARG A 221 4.92 -7.94 -42.30
C ARG A 221 3.70 -7.41 -43.08
N ASN A 222 2.49 -7.77 -42.67
CA ASN A 222 1.31 -7.30 -43.36
C ASN A 222 0.31 -6.56 -42.45
N LEU A 223 0.78 -6.06 -41.31
CA LEU A 223 -0.17 -5.42 -40.35
C LEU A 223 -1.06 -4.37 -41.01
N GLU A 224 -0.52 -3.67 -42.01
CA GLU A 224 -1.30 -2.64 -42.66
C GLU A 224 -2.61 -3.11 -43.24
N GLN A 225 -2.72 -4.39 -43.55
CA GLN A 225 -4.00 -4.86 -44.01
C GLN A 225 -5.12 -4.72 -42.97
N LEU A 226 -4.83 -4.67 -41.65
CA LEU A 226 -6.00 -4.55 -40.73
C LEU A 226 -6.74 -3.23 -40.92
N ASN A 227 -6.07 -2.23 -41.48
CA ASN A 227 -6.70 -0.91 -41.67
C ASN A 227 -7.84 -0.86 -42.58
N VAL A 228 -7.92 -1.75 -43.55
CA VAL A 228 -9.12 -1.68 -44.35
C VAL A 228 -10.37 -1.89 -43.48
N LEU A 229 -10.25 -2.53 -42.31
CA LEU A 229 -11.47 -2.70 -41.52
C LEU A 229 -12.05 -1.40 -40.96
N GLY A 230 -11.27 -0.34 -40.85
CA GLY A 230 -11.81 0.97 -40.50
C GLY A 230 -11.72 1.37 -39.02
N TYR A 231 -10.92 0.64 -38.24
CA TYR A 231 -10.87 0.74 -36.79
C TYR A 231 -9.47 0.88 -36.34
N PRO A 232 -9.29 1.57 -35.22
CA PRO A 232 -7.95 1.77 -34.70
C PRO A 232 -7.31 0.42 -34.36
N VAL A 233 -6.00 0.34 -34.42
CA VAL A 233 -5.37 -0.94 -34.18
C VAL A 233 -4.41 -0.84 -33.02
N LEU A 234 -4.44 -1.82 -32.12
CA LEU A 234 -3.43 -1.95 -31.10
C LEU A 234 -2.53 -3.12 -31.37
N LEU A 235 -1.25 -2.99 -31.09
CA LEU A 235 -0.26 -4.04 -31.31
C LEU A 235 0.36 -4.48 -29.99
N GLY A 236 0.44 -5.78 -29.77
CA GLY A 236 1.04 -6.25 -28.51
C GLY A 236 2.06 -7.30 -28.78
N THR A 237 3.31 -6.91 -28.86
CA THR A 237 4.33 -7.82 -29.23
C THR A 237 5.38 -7.81 -28.16
N SER A 238 5.13 -7.12 -27.06
CA SER A 238 6.20 -6.94 -26.06
C SER A 238 6.85 -8.23 -25.55
N ARG A 239 8.14 -8.32 -25.76
CA ARG A 239 8.95 -9.49 -25.35
C ARG A 239 8.37 -10.88 -25.73
N LYS A 240 7.47 -10.96 -26.71
CA LYS A 240 6.93 -12.24 -27.00
C LYS A 240 7.99 -13.23 -27.57
N SER A 241 7.62 -14.51 -27.44
CA SER A 241 8.37 -15.64 -27.95
C SER A 241 8.94 -15.59 -29.38
N PHE A 242 8.21 -15.06 -30.35
CA PHE A 242 8.77 -14.98 -31.70
C PHE A 242 10.00 -14.08 -31.86
N ILE A 243 10.15 -13.10 -30.97
CA ILE A 243 11.30 -12.24 -30.94
C ILE A 243 12.46 -13.08 -30.47
N GLY A 244 12.19 -13.90 -29.45
CA GLY A 244 13.12 -14.93 -28.97
C GLY A 244 13.61 -15.79 -30.13
N HIS A 245 12.67 -16.25 -30.94
CA HIS A 245 12.98 -17.18 -31.98
C HIS A 245 13.97 -16.55 -32.96
N VAL A 246 13.79 -15.27 -33.25
CA VAL A 246 14.57 -14.65 -34.30
C VAL A 246 15.95 -14.32 -33.77
N LEU A 247 15.97 -13.65 -32.60
CA LEU A 247 17.25 -13.20 -32.03
C LEU A 247 18.00 -14.27 -31.29
N ASP A 248 17.29 -15.36 -30.99
CA ASP A 248 17.81 -16.38 -30.08
C ASP A 248 18.29 -15.74 -28.74
N LEU A 249 17.32 -15.30 -27.95
CA LEU A 249 17.55 -14.44 -26.80
C LEU A 249 16.40 -14.53 -25.75
N PRO A 250 16.75 -14.61 -24.46
CA PRO A 250 15.67 -14.83 -23.49
C PRO A 250 14.81 -13.60 -23.21
N VAL A 251 13.72 -13.80 -22.48
CA VAL A 251 12.64 -12.79 -22.30
C VAL A 251 13.17 -11.38 -21.88
N GLU A 252 14.22 -11.36 -21.08
CA GLU A 252 14.78 -10.11 -20.57
C GLU A 252 15.82 -9.45 -21.47
N GLU A 253 16.02 -10.01 -22.67
CA GLU A 253 17.00 -9.54 -23.65
C GLU A 253 16.28 -9.17 -24.94
N ARG A 254 15.03 -8.77 -24.83
CA ARG A 254 14.20 -8.57 -26.00
C ARG A 254 13.76 -7.15 -26.21
N LEU A 255 14.50 -6.22 -25.61
CA LEU A 255 14.14 -4.83 -25.72
C LEU A 255 14.26 -4.32 -27.18
N GLU A 256 15.41 -4.67 -27.81
CA GLU A 256 15.70 -4.29 -29.16
C GLU A 256 14.69 -4.90 -30.09
N GLY A 257 14.50 -6.20 -29.97
CA GLY A 257 13.53 -6.93 -30.81
C GLY A 257 12.12 -6.36 -30.66
N THR A 258 11.67 -6.09 -29.43
CA THR A 258 10.39 -5.46 -29.21
C THR A 258 10.36 -4.11 -29.95
N GLY A 259 11.39 -3.29 -29.70
CA GLY A 259 11.48 -1.99 -30.36
C GLY A 259 11.28 -2.11 -31.86
N ALA A 260 11.94 -3.09 -32.53
CA ALA A 260 11.74 -3.22 -33.96
C ALA A 260 10.27 -3.47 -34.25
N THR A 261 9.63 -4.33 -33.49
CA THR A 261 8.21 -4.64 -33.79
C THR A 261 7.35 -3.38 -33.61
N VAL A 262 7.60 -2.64 -32.50
CA VAL A 262 6.97 -1.33 -32.29
C VAL A 262 7.12 -0.38 -33.47
N CYS A 263 8.35 -0.19 -33.97
CA CYS A 263 8.59 0.73 -35.08
C CYS A 263 7.87 0.31 -36.29
N LEU A 264 7.88 -0.98 -36.56
CA LEU A 264 7.30 -1.34 -37.85
C LEU A 264 5.77 -1.14 -37.73
N GLY A 265 5.25 -1.36 -36.53
CA GLY A 265 3.83 -1.26 -36.27
C GLY A 265 3.38 0.18 -36.43
N ILE A 266 4.17 1.12 -35.91
CA ILE A 266 3.78 2.52 -36.09
C ILE A 266 3.87 2.86 -37.55
N GLU A 267 4.87 2.38 -38.25
CA GLU A 267 4.90 2.73 -39.62
C GLU A 267 3.75 2.13 -40.41
N LYS A 268 3.30 0.98 -39.98
CA LYS A 268 2.20 0.37 -40.65
C LYS A 268 0.86 0.79 -40.14
N GLY A 269 0.78 1.79 -39.25
CA GLY A 269 -0.54 2.32 -38.91
C GLY A 269 -1.16 2.10 -37.54
N CYS A 270 -0.44 1.56 -36.59
CA CYS A 270 -0.88 1.42 -35.20
C CYS A 270 -1.19 2.69 -34.47
N GLU A 271 -2.30 2.62 -33.75
CA GLU A 271 -2.69 3.74 -32.94
C GLU A 271 -2.17 3.51 -31.53
N PHE A 272 -1.81 2.28 -31.18
CA PHE A 272 -1.44 1.96 -29.82
C PHE A 272 -0.43 0.80 -29.79
N VAL A 273 0.45 0.79 -28.77
CA VAL A 273 1.29 -0.38 -28.57
C VAL A 273 1.28 -0.75 -27.12
N ARG A 274 1.19 -2.05 -26.85
CA ARG A 274 1.16 -2.55 -25.53
C ARG A 274 2.48 -3.09 -25.15
N VAL A 275 3.21 -2.38 -24.31
CA VAL A 275 4.56 -2.78 -23.95
C VAL A 275 4.90 -2.87 -22.48
N HIS A 276 6.02 -3.56 -22.21
CA HIS A 276 6.58 -3.67 -20.89
C HIS A 276 7.53 -2.52 -20.57
N ASP A 277 8.40 -2.20 -21.51
CA ASP A 277 9.50 -1.27 -21.29
C ASP A 277 9.06 0.12 -21.69
N VAL A 278 8.28 0.79 -20.84
CA VAL A 278 7.58 1.99 -21.21
C VAL A 278 8.51 3.16 -21.50
N LYS A 279 9.44 3.47 -20.60
CA LYS A 279 10.46 4.47 -20.96
C LYS A 279 10.99 4.29 -22.40
N GLU A 280 11.60 3.16 -22.69
CA GLU A 280 12.25 2.98 -24.01
C GLU A 280 11.29 3.03 -25.20
N MET A 281 10.11 2.42 -25.06
CA MET A 281 9.23 2.39 -26.23
C MET A 281 8.57 3.78 -26.51
N SER A 282 8.48 4.62 -25.49
CA SER A 282 7.83 5.93 -25.68
C SER A 282 8.75 6.75 -26.49
N ARG A 283 10.04 6.61 -26.17
CA ARG A 283 11.04 7.25 -26.98
C ARG A 283 11.02 6.72 -28.38
N MET A 284 10.98 5.41 -28.61
CA MET A 284 10.93 5.00 -29.97
C MET A 284 9.66 5.42 -30.64
N ALA A 285 8.53 5.38 -29.93
CA ALA A 285 7.29 5.79 -30.56
C ALA A 285 7.31 7.28 -30.99
N LYS A 286 7.91 8.11 -30.16
CA LYS A 286 7.84 9.53 -30.38
C LYS A 286 8.77 9.85 -31.54
N MET A 287 9.93 9.22 -31.58
CA MET A 287 10.75 9.37 -32.80
C MET A 287 10.03 8.85 -34.06
N MET A 288 9.37 7.69 -33.99
CA MET A 288 8.63 7.25 -35.18
C MET A 288 7.63 8.34 -35.56
N ASP A 289 6.82 8.77 -34.56
CA ASP A 289 5.72 9.72 -34.82
C ASP A 289 6.27 10.91 -35.55
N ALA A 290 7.44 11.40 -35.12
CA ALA A 290 7.93 12.64 -35.78
C ALA A 290 8.27 12.35 -37.21
N MET A 291 8.90 11.20 -37.44
CA MET A 291 9.35 10.87 -38.79
C MET A 291 8.14 10.61 -39.70
N ILE A 292 7.23 9.71 -39.29
CA ILE A 292 6.16 9.48 -40.23
C ILE A 292 5.23 10.72 -40.32
N GLY A 293 5.37 11.69 -39.41
CA GLY A 293 4.54 12.87 -39.55
C GLY A 293 3.14 12.75 -38.94
N LYS A 294 2.96 11.82 -37.99
CA LYS A 294 1.86 11.84 -37.07
C LYS A 294 2.17 12.86 -36.00
N LYS B 22 22.80 14.78 31.92
CA LYS B 22 22.16 14.22 33.13
C LYS B 22 21.85 12.68 32.99
N TRP B 23 21.25 12.21 31.89
CA TRP B 23 21.31 10.73 31.65
C TRP B 23 22.69 10.31 31.16
N ASP B 24 23.26 9.25 31.71
CA ASP B 24 24.60 8.86 31.23
C ASP B 24 24.58 7.77 30.17
N TYR B 25 23.42 7.55 29.56
CA TYR B 25 23.27 6.53 28.50
C TYR B 25 22.20 6.91 27.46
N ASP B 26 22.15 6.15 26.37
CA ASP B 26 21.22 6.32 25.24
C ASP B 26 20.35 5.09 25.19
N LEU B 27 19.16 5.26 24.64
CA LEU B 27 18.24 4.16 24.51
C LEU B 27 18.55 3.56 23.14
N ARG B 28 19.15 2.37 23.14
CA ARG B 28 19.55 1.63 21.92
C ARG B 28 18.40 0.81 21.37
N CYS B 29 18.10 0.94 20.07
CA CYS B 29 16.91 0.32 19.49
C CYS B 29 17.21 -0.17 18.10
N GLY B 30 17.96 -1.26 17.99
CA GLY B 30 18.34 -1.81 16.69
C GLY B 30 19.24 -0.80 15.98
N GLU B 31 18.83 -0.37 14.78
CA GLU B 31 19.60 0.67 14.09
C GLU B 31 19.49 2.08 14.72
N TYR B 32 18.36 2.44 15.37
CA TYR B 32 18.18 3.78 15.97
C TYR B 32 18.64 3.94 17.43
N THR B 33 19.20 5.11 17.69
CA THR B 33 19.71 5.45 19.02
C THR B 33 18.81 6.56 19.45
N LEU B 34 18.31 6.52 20.68
CA LEU B 34 17.42 7.59 21.14
C LEU B 34 18.06 8.34 22.29
N ASN B 35 18.42 9.59 22.02
CA ASN B 35 19.03 10.42 23.06
C ASN B 35 18.04 10.92 24.09
N LEU B 36 18.42 10.80 25.35
CA LEU B 36 17.50 11.21 26.42
C LEU B 36 17.79 12.59 26.97
N ASN B 37 18.87 13.23 26.58
CA ASN B 37 19.15 14.56 27.13
C ASN B 37 18.82 15.72 26.20
N GLU B 38 18.77 15.50 24.90
CA GLU B 38 18.58 16.68 24.04
C GLU B 38 17.14 17.27 23.98
N LYS B 39 16.10 16.44 24.11
CA LYS B 39 14.77 16.98 24.05
C LYS B 39 13.74 16.04 24.59
N THR B 40 12.58 16.52 24.98
CA THR B 40 11.51 15.58 25.20
C THR B 40 11.19 14.84 23.90
N LEU B 41 11.11 13.51 24.01
CA LEU B 41 10.82 12.65 22.86
C LEU B 41 9.30 12.44 22.69
N ILE B 42 8.85 12.56 21.46
CA ILE B 42 7.48 12.41 21.12
C ILE B 42 7.26 11.02 20.52
N MET B 43 6.38 10.25 21.15
CA MET B 43 5.90 8.96 20.58
C MET B 43 4.52 9.17 19.99
N GLY B 44 4.35 8.81 18.74
CA GLY B 44 3.12 9.13 18.02
C GLY B 44 2.23 7.92 17.99
N ILE B 45 0.94 8.11 18.28
CA ILE B 45 0.00 7.01 18.38
C ILE B 45 -0.60 6.71 17.04
N LEU B 46 -0.29 5.51 16.53
CA LEU B 46 -0.83 5.08 15.24
C LEU B 46 -2.31 4.69 15.27
N ASN B 47 -3.07 5.28 14.33
CA ASN B 47 -4.44 4.88 14.03
C ASN B 47 -4.69 3.39 13.77
N VAL B 48 -5.44 2.71 14.64
CA VAL B 48 -5.76 1.28 14.37
C VAL B 48 -7.12 1.03 13.62
N ASP B 55 -9.23 -7.83 6.16
CA ASP B 55 -9.22 -7.53 7.60
C ASP B 55 -7.83 -7.90 8.22
N GLY B 56 -6.96 -6.88 8.36
CA GLY B 56 -5.56 -7.10 8.81
C GLY B 56 -4.73 -7.68 7.67
N GLY B 57 -3.98 -6.82 6.98
CA GLY B 57 -3.19 -7.26 5.82
C GLY B 57 -3.65 -6.48 4.62
N SER B 58 -4.96 -6.27 4.54
CA SER B 58 -5.63 -5.53 3.46
C SER B 58 -4.84 -4.27 3.07
N TYR B 59 -4.91 -3.95 1.79
CA TYR B 59 -4.17 -2.84 1.23
C TYR B 59 -4.62 -1.58 1.87
N ASN B 60 -5.92 -1.50 2.17
CA ASN B 60 -6.47 -0.33 2.90
C ASN B 60 -5.98 -0.10 4.31
N GLU B 61 -6.06 -1.14 5.14
CA GLU B 61 -5.59 -1.05 6.50
C GLU B 61 -4.14 -0.58 6.49
N VAL B 62 -3.28 -1.30 5.76
CA VAL B 62 -1.80 -1.13 5.85
C VAL B 62 -1.38 0.16 5.14
N ASP B 63 -1.94 0.39 3.94
CA ASP B 63 -1.84 1.80 3.38
C ASP B 63 -2.16 2.96 4.43
N ALA B 64 -3.28 2.87 5.17
CA ALA B 64 -3.72 4.03 5.96
C ALA B 64 -2.75 4.21 7.09
N ALA B 65 -2.18 3.11 7.52
CA ALA B 65 -1.21 3.13 8.62
C ALA B 65 0.16 3.72 8.23
N VAL B 66 0.73 3.22 7.14
CA VAL B 66 1.92 3.82 6.53
C VAL B 66 1.73 5.37 6.34
N ARG B 67 0.65 5.80 5.64
CA ARG B 67 0.38 7.24 5.41
C ARG B 67 0.49 7.99 6.72
N HIS B 68 -0.09 7.41 7.75
CA HIS B 68 -0.25 8.13 8.99
C HIS B 68 1.09 8.21 9.68
N ALA B 69 1.83 7.10 9.67
CA ALA B 69 3.20 7.04 10.18
C ALA B 69 4.04 8.07 9.46
N LYS B 70 3.84 8.21 8.16
CA LYS B 70 4.63 9.15 7.40
C LYS B 70 4.31 10.54 7.89
N GLU B 71 3.06 10.76 8.22
CA GLU B 71 2.68 12.10 8.55
C GLU B 71 3.21 12.47 9.94
N MET B 72 3.17 11.52 10.88
CA MET B 72 3.63 11.87 12.19
C MET B 72 5.16 12.03 12.18
N ARG B 73 5.83 11.22 11.38
CA ARG B 73 7.27 11.35 11.20
C ARG B 73 7.51 12.75 10.71
N ASP B 74 6.77 13.16 9.70
CA ASP B 74 6.90 14.52 9.28
C ASP B 74 6.50 15.60 10.29
N GLU B 75 5.76 15.29 11.34
CA GLU B 75 5.36 16.41 12.18
C GLU B 75 6.20 16.50 13.46
N GLY B 76 7.15 15.58 13.63
CA GLY B 76 8.16 15.73 14.70
C GLY B 76 8.19 14.56 15.70
N ALA B 77 7.57 13.44 15.31
CA ALA B 77 7.54 12.25 16.14
C ALA B 77 8.86 11.52 16.08
N HIS B 78 9.24 10.95 17.22
CA HIS B 78 10.52 10.25 17.32
C HIS B 78 10.33 8.73 17.40
N ILE B 79 9.11 8.31 17.68
CA ILE B 79 8.74 6.87 17.82
C ILE B 79 7.36 6.64 17.28
N ILE B 80 7.14 5.56 16.53
CA ILE B 80 5.76 5.18 16.15
C ILE B 80 5.25 4.02 17.03
N ASP B 81 4.13 4.24 17.71
CA ASP B 81 3.54 3.23 18.58
C ASP B 81 2.34 2.58 17.91
N ILE B 82 2.27 1.27 17.92
CA ILE B 82 1.28 0.57 17.13
C ILE B 82 0.63 -0.48 18.00
N GLY B 83 -0.69 -0.42 18.19
CA GLY B 83 -1.44 -1.34 19.05
C GLY B 83 -2.68 -2.04 18.50
N GLY B 84 -2.92 -3.28 18.94
CA GLY B 84 -4.04 -4.12 18.44
C GLY B 84 -5.41 -4.11 19.14
N GLU B 85 -5.44 -3.98 20.48
CA GLU B 85 -6.67 -3.90 21.30
C GLU B 85 -7.15 -2.44 21.59
N SER B 86 -8.46 -2.16 21.35
CA SER B 86 -9.13 -0.92 21.85
C SER B 86 -9.78 -1.16 23.21
N VAL B 94 -11.53 -10.74 21.00
CA VAL B 94 -10.84 -11.40 19.88
C VAL B 94 -9.35 -11.79 20.18
N SER B 95 -8.97 -12.97 19.69
CA SER B 95 -7.85 -13.74 20.23
C SER B 95 -6.43 -13.26 19.93
N VAL B 96 -5.48 -13.98 20.53
CA VAL B 96 -4.06 -13.84 20.31
C VAL B 96 -3.74 -13.88 18.83
N GLU B 97 -4.17 -14.94 18.14
CA GLU B 97 -3.79 -15.16 16.72
C GLU B 97 -4.31 -14.12 15.74
N GLU B 98 -5.44 -13.48 16.06
CA GLU B 98 -5.96 -12.37 15.24
C GLU B 98 -5.11 -11.15 15.37
N GLU B 99 -4.77 -10.82 16.60
CA GLU B 99 -4.00 -9.63 16.85
C GLU B 99 -2.71 -9.68 16.03
N ILE B 100 -2.01 -10.83 16.07
CA ILE B 100 -0.79 -11.04 15.28
C ILE B 100 -1.03 -10.72 13.81
N LYS B 101 -2.03 -11.39 13.24
CA LYS B 101 -2.38 -11.26 11.84
C LYS B 101 -2.58 -9.82 11.49
N ARG B 102 -2.99 -9.04 12.48
CA ARG B 102 -3.43 -7.71 12.20
C ARG B 102 -2.33 -6.73 12.46
N VAL B 103 -1.53 -6.96 13.47
CA VAL B 103 -0.54 -5.98 13.82
C VAL B 103 0.77 -6.13 13.03
N VAL B 104 1.15 -7.37 12.74
CA VAL B 104 2.43 -7.64 12.07
C VAL B 104 2.49 -7.05 10.63
N PRO B 105 1.42 -7.19 9.81
CA PRO B 105 1.63 -6.55 8.48
C PRO B 105 1.98 -5.06 8.56
N MET B 106 1.47 -4.39 9.58
CA MET B 106 1.78 -2.98 9.82
C MET B 106 3.20 -2.60 10.28
N ILE B 107 3.74 -3.39 11.22
CA ILE B 107 5.17 -3.33 11.57
C ILE B 107 6.05 -3.47 10.34
N GLN B 108 5.84 -4.52 9.55
CA GLN B 108 6.60 -4.67 8.33
C GLN B 108 6.52 -3.40 7.47
N ALA B 109 5.31 -2.95 7.12
CA ALA B 109 5.22 -1.84 6.19
C ALA B 109 5.80 -0.55 6.78
N VAL B 110 5.53 -0.26 8.06
CA VAL B 110 6.02 0.97 8.63
C VAL B 110 7.55 0.97 8.83
N SER B 111 8.06 -0.13 9.37
CA SER B 111 9.48 -0.44 9.40
C SER B 111 10.23 -0.06 8.12
N LYS B 112 9.79 -0.67 7.03
CA LYS B 112 10.42 -0.55 5.74
C LYS B 112 10.19 0.84 5.15
N GLU B 113 9.09 1.47 5.46
CA GLU B 113 8.81 2.69 4.75
C GLU B 113 9.04 3.94 5.55
N VAL B 114 9.07 3.84 6.88
CA VAL B 114 9.31 4.99 7.78
C VAL B 114 10.51 4.73 8.69
N LYS B 115 11.58 5.51 8.45
CA LYS B 115 12.83 5.37 9.22
C LYS B 115 12.71 6.04 10.59
N LEU B 116 12.26 5.26 11.58
CA LEU B 116 11.95 5.74 12.92
C LEU B 116 11.72 4.52 13.79
N PRO B 117 12.25 4.50 15.01
CA PRO B 117 11.96 3.30 15.79
C PRO B 117 10.46 3.10 16.02
N ILE B 118 10.03 1.85 16.07
CA ILE B 118 8.64 1.49 16.33
C ILE B 118 8.54 0.80 17.67
N SER B 119 7.42 0.97 18.36
CA SER B 119 7.13 0.16 19.54
C SER B 119 5.82 -0.52 19.41
N ILE B 120 5.77 -1.79 19.80
CA ILE B 120 4.52 -2.51 19.83
C ILE B 120 3.81 -2.32 21.17
N ASP B 121 2.56 -1.88 21.10
CA ASP B 121 1.71 -1.72 22.26
C ASP B 121 0.96 -3.00 22.55
N THR B 122 1.63 -4.01 23.11
CA THR B 122 0.91 -5.19 23.57
C THR B 122 1.16 -5.41 25.06
N TYR B 123 0.54 -6.42 25.64
CA TYR B 123 1.00 -6.89 26.95
C TYR B 123 1.28 -8.37 26.88
N LYS B 124 1.00 -8.92 25.71
CA LYS B 124 0.96 -10.36 25.49
C LYS B 124 2.33 -10.84 25.02
N ALA B 125 2.82 -11.92 25.62
CA ALA B 125 4.16 -12.41 25.33
C ALA B 125 4.34 -12.68 23.84
N GLU B 126 3.47 -13.52 23.26
CA GLU B 126 3.66 -13.91 21.86
C GLU B 126 3.48 -12.75 20.88
N VAL B 127 2.55 -11.85 21.21
CA VAL B 127 2.28 -10.68 20.36
C VAL B 127 3.53 -9.82 20.26
N ALA B 128 4.23 -9.68 21.38
CA ALA B 128 5.47 -8.95 21.42
C ALA B 128 6.61 -9.63 20.65
N LYS B 129 6.80 -10.93 20.85
CA LYS B 129 7.83 -11.63 20.11
C LYS B 129 7.62 -11.37 18.60
N GLN B 130 6.41 -11.61 18.08
CA GLN B 130 6.19 -11.55 16.63
C GLN B 130 6.49 -10.15 16.12
N ALA B 131 6.05 -9.18 16.92
CA ALA B 131 6.06 -7.81 16.52
C ALA B 131 7.49 -7.35 16.36
N ILE B 132 8.37 -7.87 17.23
CA ILE B 132 9.80 -7.57 17.20
C ILE B 132 10.44 -8.25 16.02
N GLU B 133 9.99 -9.48 15.75
CA GLU B 133 10.40 -10.28 14.59
C GLU B 133 9.96 -9.63 13.30
N ALA B 134 8.83 -8.94 13.36
CA ALA B 134 8.32 -8.18 12.26
C ALA B 134 9.10 -6.89 11.99
N GLY B 135 9.85 -6.39 12.99
CA GLY B 135 10.55 -5.09 12.91
C GLY B 135 10.39 -4.11 14.10
N ALA B 136 9.55 -4.42 15.10
CA ALA B 136 9.38 -3.47 16.20
C ALA B 136 10.62 -3.43 17.06
N HIS B 137 10.85 -2.27 17.67
CA HIS B 137 12.10 -2.01 18.40
C HIS B 137 11.95 -1.96 19.94
N ILE B 138 10.73 -1.69 20.42
CA ILE B 138 10.41 -1.40 21.83
C ILE B 138 9.11 -2.09 22.26
N ILE B 139 9.05 -2.64 23.45
CA ILE B 139 7.82 -3.26 23.87
C ILE B 139 7.10 -2.26 24.75
N ASN B 140 5.83 -2.08 24.46
CA ASN B 140 5.04 -1.20 25.29
C ASN B 140 3.87 -1.83 26.06
N ASP B 141 4.12 -2.11 27.34
CA ASP B 141 3.22 -2.96 28.11
C ASP B 141 2.40 -2.21 29.15
N ILE B 142 1.08 -2.20 28.94
CA ILE B 142 0.15 -1.50 29.81
C ILE B 142 -0.15 -2.28 31.11
N TRP B 143 0.50 -3.44 31.31
CA TRP B 143 0.34 -4.17 32.55
C TRP B 143 1.72 -4.41 33.18
N GLY B 144 2.72 -3.73 32.61
CA GLY B 144 4.06 -3.70 33.17
C GLY B 144 4.51 -5.09 33.57
N ALA B 145 4.30 -6.07 32.68
CA ALA B 145 4.77 -7.44 32.90
C ALA B 145 4.00 -8.19 33.95
N LYS B 146 2.87 -7.65 34.36
CA LYS B 146 2.12 -8.35 35.39
C LYS B 146 1.23 -9.30 34.68
N ALA B 147 0.58 -8.82 33.63
CA ALA B 147 -0.28 -9.63 32.78
C ALA B 147 0.44 -10.87 32.28
N GLU B 148 1.63 -10.69 31.72
CA GLU B 148 2.27 -11.80 31.03
C GLU B 148 3.78 -11.85 31.25
N PRO B 149 4.19 -12.19 32.48
CA PRO B 149 5.57 -12.08 32.92
C PRO B 149 6.53 -12.54 31.84
N LYS B 150 6.18 -13.64 31.18
CA LYS B 150 6.98 -14.19 30.08
C LYS B 150 7.44 -13.10 29.07
N ILE B 151 6.62 -12.07 28.89
CA ILE B 151 6.98 -10.92 28.06
C ILE B 151 8.31 -10.28 28.43
N ALA B 152 8.70 -10.38 29.69
CA ALA B 152 9.98 -9.83 30.11
C ALA B 152 11.15 -10.64 29.59
N GLU B 153 10.97 -11.97 29.58
CA GLU B 153 11.93 -12.85 28.94
C GLU B 153 12.05 -12.52 27.45
N VAL B 154 10.97 -12.04 26.84
CA VAL B 154 11.05 -11.63 25.43
C VAL B 154 11.99 -10.44 25.32
N ALA B 155 11.78 -9.48 26.21
CA ALA B 155 12.48 -8.23 26.25
C ALA B 155 13.97 -8.42 26.45
N ALA B 156 14.34 -9.15 27.50
CA ALA B 156 15.75 -9.50 27.75
C ALA B 156 16.34 -10.29 26.60
N HIS B 157 15.52 -11.12 25.96
CA HIS B 157 15.99 -11.95 24.85
C HIS B 157 16.36 -11.17 23.59
N TYR B 158 15.55 -10.17 23.21
CA TYR B 158 15.88 -9.32 22.06
C TYR B 158 16.66 -8.07 22.47
N ASP B 159 16.65 -7.77 23.77
CA ASP B 159 17.50 -6.74 24.34
C ASP B 159 16.99 -5.37 23.96
N VAL B 160 15.67 -5.24 23.93
CA VAL B 160 14.98 -4.01 23.52
C VAL B 160 14.31 -3.29 24.69
N PRO B 161 14.18 -1.97 24.61
CA PRO B 161 13.63 -1.28 25.79
C PRO B 161 12.20 -1.68 26.02
N ILE B 162 11.74 -1.66 27.25
CA ILE B 162 10.36 -2.03 27.49
C ILE B 162 9.71 -0.94 28.29
N ILE B 163 8.44 -0.65 28.02
CA ILE B 163 7.78 0.32 28.84
C ILE B 163 6.91 -0.47 29.78
N LEU B 164 6.98 -0.17 31.09
CA LEU B 164 6.12 -0.78 32.11
C LEU B 164 5.25 0.32 32.70
N MET B 165 3.94 0.23 32.46
CA MET B 165 3.00 1.29 32.84
C MET B 165 2.34 0.95 34.14
N HIS B 166 2.00 1.93 34.96
CA HIS B 166 1.32 1.59 36.18
C HIS B 166 -0.05 1.05 35.85
N ASN B 167 -0.36 -0.15 36.30
CA ASN B 167 -1.75 -0.60 36.21
C ASN B 167 -2.13 -1.44 37.39
N ARG B 168 -3.43 -1.65 37.58
CA ARG B 168 -3.93 -2.57 38.60
C ARG B 168 -5.42 -2.75 38.36
N ASP B 169 -6.06 -3.60 39.13
CA ASP B 169 -7.40 -3.96 38.78
C ASP B 169 -8.41 -3.27 39.69
N ASN B 170 -7.97 -2.37 40.56
CA ASN B 170 -8.89 -1.70 41.48
C ASN B 170 -8.51 -0.21 41.62
N MET B 171 -9.25 0.57 42.39
CA MET B 171 -8.88 1.96 42.58
C MET B 171 -8.90 2.35 44.02
N ASN B 172 -8.60 1.42 44.91
CA ASN B 172 -8.50 1.77 46.32
C ASN B 172 -7.01 2.01 46.62
N TYR B 173 -6.62 3.26 46.79
CA TYR B 173 -5.25 3.55 47.04
C TYR B 173 -5.17 4.04 48.44
N ARG B 174 -4.35 3.39 49.25
CA ARG B 174 -4.01 3.91 50.58
C ARG B 174 -3.33 5.32 50.51
N ASN B 175 -2.31 5.47 49.65
CA ASN B 175 -1.73 6.77 49.27
C ASN B 175 -1.26 6.63 47.82
N LEU B 176 -1.88 7.42 46.93
CA LEU B 176 -1.84 7.15 45.48
C LEU B 176 -0.45 6.95 44.99
N MET B 177 0.36 7.96 45.28
CA MET B 177 1.68 8.05 44.68
C MET B 177 2.61 7.00 45.19
N ALA B 178 2.49 6.71 46.48
CA ALA B 178 3.27 5.69 47.12
C ALA B 178 2.85 4.33 46.65
N ASP B 179 1.56 4.09 46.48
CA ASP B 179 1.12 2.82 45.94
C ASP B 179 1.55 2.66 44.47
N MET B 180 1.47 3.75 43.70
CA MET B 180 1.90 3.68 42.31
C MET B 180 3.36 3.27 42.28
N ILE B 181 4.18 3.83 43.16
CA ILE B 181 5.62 3.59 43.10
C ILE B 181 5.94 2.20 43.56
N ALA B 182 5.22 1.75 44.59
CA ALA B 182 5.24 0.38 45.04
C ALA B 182 4.92 -0.54 43.83
N ASP B 183 3.87 -0.21 43.07
CA ASP B 183 3.39 -1.10 42.02
C ASP B 183 4.37 -1.15 40.87
N LEU B 184 4.99 0.01 40.59
CA LEU B 184 5.96 0.05 39.54
C LEU B 184 7.19 -0.75 39.93
N TYR B 185 7.56 -0.72 41.21
CA TYR B 185 8.63 -1.60 41.64
C TYR B 185 8.31 -3.06 41.45
N ASP B 186 7.06 -3.44 41.67
CA ASP B 186 6.72 -4.85 41.47
C ASP B 186 6.97 -5.20 39.99
N SER B 187 6.71 -4.26 39.10
CA SER B 187 6.99 -4.47 37.68
C SER B 187 8.49 -4.54 37.36
N ILE B 188 9.29 -3.62 37.89
CA ILE B 188 10.74 -3.65 37.62
C ILE B 188 11.38 -4.96 38.09
N LYS B 189 10.94 -5.48 39.23
CA LYS B 189 11.59 -6.67 39.73
C LYS B 189 11.34 -7.76 38.68
N ILE B 190 10.11 -7.87 38.19
CA ILE B 190 9.76 -8.94 37.26
C ILE B 190 10.65 -8.85 36.06
N ALA B 191 10.84 -7.63 35.58
CA ALA B 191 11.68 -7.36 34.44
C ALA B 191 13.13 -7.76 34.71
N LYS B 192 13.70 -7.25 35.81
CA LYS B 192 15.11 -7.51 36.12
C LYS B 192 15.38 -9.00 36.36
N ASP B 193 14.39 -9.67 36.95
CA ASP B 193 14.44 -11.08 37.28
C ASP B 193 14.35 -11.90 36.01
N ALA B 194 13.99 -11.29 34.91
CA ALA B 194 13.93 -12.01 33.65
C ALA B 194 15.19 -11.76 32.83
N GLY B 195 15.92 -10.70 33.20
CA GLY B 195 17.20 -10.36 32.57
C GLY B 195 17.27 -8.95 31.97
N VAL B 196 16.15 -8.23 31.93
CA VAL B 196 16.17 -6.90 31.33
C VAL B 196 17.17 -5.98 32.02
N ARG B 197 18.15 -5.46 31.28
CA ARG B 197 19.14 -4.58 31.88
C ARG B 197 18.48 -3.26 32.17
N ASP B 198 18.97 -2.58 33.22
CA ASP B 198 18.41 -1.33 33.71
C ASP B 198 18.14 -0.35 32.62
N GLU B 199 19.16 -0.12 31.79
CA GLU B 199 19.16 0.86 30.68
C GLU B 199 18.01 0.66 29.68
N ASN B 200 17.33 -0.48 29.83
CA ASN B 200 16.20 -0.86 28.98
C ASN B 200 14.86 -0.77 29.63
N ILE B 201 14.81 -0.22 30.83
CA ILE B 201 13.51 -0.04 31.49
C ILE B 201 13.02 1.39 31.39
N ILE B 202 11.76 1.55 31.00
CA ILE B 202 11.11 2.84 31.01
C ILE B 202 9.82 2.73 31.81
N LEU B 203 9.53 3.70 32.69
CA LEU B 203 8.27 3.69 33.44
C LEU B 203 7.23 4.68 32.89
N ASP B 204 5.96 4.31 33.06
CA ASP B 204 4.81 5.16 32.73
C ASP B 204 3.90 5.14 33.94
N PRO B 205 3.44 6.32 34.39
CA PRO B 205 2.56 6.44 35.52
C PRO B 205 1.14 5.92 35.23
N GLY B 206 0.82 5.62 33.98
CA GLY B 206 -0.48 5.05 33.66
C GLY B 206 -1.66 5.97 33.86
N ILE B 207 -1.53 7.22 33.47
CA ILE B 207 -2.63 8.18 33.62
C ILE B 207 -3.82 7.78 32.75
N GLY B 208 -4.96 7.56 33.40
CA GLY B 208 -6.10 7.09 32.66
C GLY B 208 -6.41 5.62 32.95
N PHE B 209 -5.52 4.95 33.68
CA PHE B 209 -5.81 3.57 34.05
C PHE B 209 -5.88 3.48 35.52
N ALA B 210 -6.84 2.66 35.97
CA ALA B 210 -7.14 2.27 37.34
C ALA B 210 -7.16 3.44 38.33
N LYS B 211 -7.81 4.51 37.88
CA LYS B 211 -7.72 5.81 38.56
C LYS B 211 -9.00 6.65 38.35
N THR B 212 -9.57 7.15 39.45
CA THR B 212 -10.63 8.14 39.33
C THR B 212 -10.08 9.42 38.66
N PRO B 213 -10.97 10.26 38.13
CA PRO B 213 -10.55 11.56 37.60
C PRO B 213 -9.68 12.35 38.60
N GLU B 214 -10.04 12.23 39.87
CA GLU B 214 -9.35 12.92 40.90
C GLU B 214 -7.97 12.41 41.04
N GLN B 215 -7.82 11.13 40.81
CA GLN B 215 -6.57 10.53 41.12
C GLN B 215 -5.61 10.83 39.97
N ASN B 216 -6.15 10.89 38.76
CA ASN B 216 -5.37 11.29 37.57
C ASN B 216 -4.80 12.68 37.79
N LEU B 217 -5.66 13.57 38.28
CA LEU B 217 -5.20 14.89 38.63
C LEU B 217 -4.09 14.85 39.67
N GLU B 218 -4.27 14.06 40.71
CA GLU B 218 -3.30 13.92 41.75
C GLU B 218 -1.94 13.37 41.21
N ALA B 219 -1.99 12.33 40.41
CA ALA B 219 -0.79 11.76 39.85
C ALA B 219 -0.08 12.84 39.02
N MET B 220 -0.81 13.60 38.24
CA MET B 220 -0.23 14.61 37.41
C MET B 220 0.51 15.60 38.26
N ARG B 221 -0.14 16.03 39.33
CA ARG B 221 0.36 17.08 40.20
C ARG B 221 1.57 16.55 40.96
N ASN B 222 1.72 15.22 41.03
CA ASN B 222 2.86 14.72 41.77
C ASN B 222 3.81 13.88 40.90
N LEU B 223 3.80 14.05 39.58
CA LEU B 223 4.56 13.13 38.76
C LEU B 223 6.02 13.14 39.06
N GLU B 224 6.58 14.26 39.54
CA GLU B 224 8.04 14.29 39.77
C GLU B 224 8.51 13.20 40.76
N GLN B 225 7.60 12.69 41.57
CA GLN B 225 7.99 11.68 42.52
C GLN B 225 8.49 10.40 41.83
N LEU B 226 8.01 10.13 40.61
CA LEU B 226 8.51 8.97 39.90
C LEU B 226 10.01 9.04 39.60
N ASN B 227 10.57 10.26 39.53
CA ASN B 227 12.03 10.38 39.28
C ASN B 227 12.87 9.71 40.31
N VAL B 228 12.42 9.56 41.55
CA VAL B 228 13.37 9.02 42.47
C VAL B 228 13.66 7.58 42.10
N LEU B 229 12.78 6.97 41.33
CA LEU B 229 13.04 5.58 40.98
C LEU B 229 14.32 5.40 40.15
N GLY B 230 14.74 6.44 39.44
CA GLY B 230 15.94 6.36 38.64
C GLY B 230 15.79 6.06 37.15
N TYR B 231 14.58 5.86 36.65
CA TYR B 231 14.38 5.45 35.25
C TYR B 231 13.72 6.49 34.40
N PRO B 232 13.88 6.37 33.13
CA PRO B 232 13.15 7.30 32.28
C PRO B 232 11.65 7.13 32.44
N VAL B 233 10.91 8.22 32.21
CA VAL B 233 9.46 8.20 32.35
C VAL B 233 8.75 8.64 31.10
N LEU B 234 7.73 7.86 30.74
CA LEU B 234 6.94 8.19 29.60
C LEU B 234 5.56 8.55 30.09
N LEU B 235 5.07 9.69 29.61
CA LEU B 235 3.73 10.11 29.93
C LEU B 235 2.71 9.90 28.82
N GLY B 236 1.65 9.20 29.17
CA GLY B 236 0.58 8.98 28.22
C GLY B 236 -0.75 9.53 28.61
N THR B 237 -1.07 10.72 28.22
CA THR B 237 -2.34 11.22 28.67
C THR B 237 -3.19 11.69 27.53
N SER B 238 -2.79 11.39 26.31
CA SER B 238 -3.40 12.05 25.12
C SER B 238 -4.87 11.75 25.00
N ARG B 239 -5.66 12.81 25.07
CA ARG B 239 -7.13 12.72 24.90
C ARG B 239 -7.89 11.87 25.93
N LYS B 240 -7.25 11.46 27.01
CA LYS B 240 -7.97 10.60 27.94
C LYS B 240 -9.17 11.27 28.60
N SER B 241 -10.03 10.38 29.07
CA SER B 241 -11.24 10.75 29.71
C SER B 241 -11.09 11.78 30.82
N PHE B 242 -10.06 11.69 31.65
CA PHE B 242 -9.99 12.75 32.67
C PHE B 242 -9.87 14.20 32.17
N ILE B 243 -9.32 14.40 30.98
CA ILE B 243 -9.32 15.75 30.40
C ILE B 243 -10.78 16.17 30.04
N GLY B 244 -11.56 15.25 29.48
CA GLY B 244 -12.95 15.58 29.16
C GLY B 244 -13.66 15.97 30.46
N HIS B 245 -13.30 15.32 31.55
CA HIS B 245 -14.06 15.50 32.73
C HIS B 245 -13.87 16.90 33.23
N VAL B 246 -12.64 17.37 33.14
CA VAL B 246 -12.30 18.66 33.66
C VAL B 246 -12.86 19.74 32.73
N LEU B 247 -12.69 19.60 31.42
CA LEU B 247 -13.05 20.66 30.47
C LEU B 247 -14.47 20.63 29.98
N ASP B 248 -15.15 19.52 30.27
CA ASP B 248 -16.44 19.19 29.72
C ASP B 248 -16.46 19.28 28.21
N LEU B 249 -15.66 18.44 27.58
CA LEU B 249 -15.48 18.52 26.15
C LEU B 249 -15.18 17.13 25.63
N PRO B 250 -15.70 16.80 24.44
CA PRO B 250 -15.53 15.41 23.93
C PRO B 250 -14.15 15.10 23.40
N VAL B 251 -13.92 13.83 23.05
CA VAL B 251 -12.61 13.31 22.70
C VAL B 251 -11.87 14.10 21.62
N GLU B 252 -12.56 14.57 20.60
CA GLU B 252 -11.87 15.24 19.51
C GLU B 252 -11.65 16.73 19.76
N GLU B 253 -12.00 17.18 20.99
CA GLU B 253 -11.79 18.55 21.51
C GLU B 253 -10.88 18.60 22.75
N ARG B 254 -9.88 17.73 22.81
CA ARG B 254 -9.05 17.69 24.01
C ARG B 254 -7.62 18.09 23.70
N LEU B 255 -7.38 18.72 22.55
CA LEU B 255 -6.03 19.07 22.18
C LEU B 255 -5.42 20.05 23.19
N GLU B 256 -6.09 21.17 23.46
CA GLU B 256 -5.56 22.13 24.44
C GLU B 256 -5.37 21.53 25.82
N GLY B 257 -6.24 20.60 26.21
CA GLY B 257 -6.11 20.02 27.55
C GLY B 257 -4.94 19.04 27.58
N THR B 258 -4.73 18.32 26.46
CA THR B 258 -3.66 17.32 26.38
C THR B 258 -2.38 18.07 26.56
N GLY B 259 -2.29 19.16 25.81
CA GLY B 259 -1.14 20.01 25.86
C GLY B 259 -0.83 20.47 27.26
N ALA B 260 -1.86 20.82 28.02
CA ALA B 260 -1.60 21.18 29.39
C ALA B 260 -0.90 20.01 30.17
N THR B 261 -1.38 18.78 30.00
CA THR B 261 -0.74 17.66 30.71
C THR B 261 0.70 17.44 30.19
N VAL B 262 0.90 17.61 28.88
CA VAL B 262 2.22 17.48 28.29
C VAL B 262 3.20 18.48 28.88
N CYS B 263 2.76 19.74 29.01
CA CYS B 263 3.61 20.78 29.56
C CYS B 263 3.95 20.45 30.99
N LEU B 264 2.94 20.12 31.80
CA LEU B 264 3.21 19.91 33.20
C LEU B 264 4.16 18.73 33.32
N GLY B 265 3.92 17.68 32.50
CA GLY B 265 4.71 16.48 32.51
C GLY B 265 6.18 16.77 32.24
N ILE B 266 6.46 17.55 31.19
CA ILE B 266 7.82 17.86 30.90
C ILE B 266 8.39 18.70 32.03
N GLU B 267 7.62 19.65 32.54
CA GLU B 267 8.20 20.43 33.61
C GLU B 267 8.55 19.56 34.78
N LYS B 268 7.79 18.50 34.97
CA LYS B 268 8.07 17.57 36.00
C LYS B 268 9.10 16.47 35.70
N GLY B 269 9.68 16.39 34.49
CA GLY B 269 10.76 15.46 34.27
C GLY B 269 10.47 14.29 33.34
N CYS B 270 9.29 14.20 32.73
CA CYS B 270 9.10 13.22 31.66
C CYS B 270 10.20 13.20 30.59
N GLU B 271 10.52 12.02 30.08
CA GLU B 271 11.43 11.94 28.92
C GLU B 271 10.74 11.70 27.57
N PHE B 272 9.49 11.23 27.67
CA PHE B 272 8.63 10.98 26.55
C PHE B 272 7.17 11.35 26.84
N VAL B 273 6.47 11.83 25.82
CA VAL B 273 5.02 11.90 25.87
C VAL B 273 4.50 11.11 24.68
N ARG B 274 3.34 10.49 24.89
CA ARG B 274 2.72 9.65 23.93
C ARG B 274 1.44 10.33 23.49
N VAL B 275 1.32 10.66 22.23
CA VAL B 275 0.33 11.62 21.84
C VAL B 275 -0.26 11.34 20.49
N HIS B 276 -1.50 11.78 20.32
CA HIS B 276 -2.16 11.74 19.09
C HIS B 276 -1.79 12.94 18.23
N ASP B 277 -1.79 14.15 18.78
CA ASP B 277 -1.74 15.34 17.91
C ASP B 277 -0.29 15.75 17.85
N VAL B 278 0.45 15.15 16.92
CA VAL B 278 1.87 15.22 17.00
C VAL B 278 2.38 16.62 16.74
N LYS B 279 1.91 17.25 15.67
CA LYS B 279 2.48 18.52 15.25
C LYS B 279 2.34 19.50 16.38
N GLU B 280 1.15 19.56 16.98
CA GLU B 280 0.87 20.54 17.98
C GLU B 280 1.66 20.24 19.24
N MET B 281 1.74 18.97 19.62
CA MET B 281 2.46 18.65 20.84
C MET B 281 3.99 18.71 20.67
N SER B 282 4.51 18.45 19.48
CA SER B 282 6.00 18.57 19.29
C SER B 282 6.41 19.99 19.46
N ARG B 283 5.58 20.90 18.95
CA ARG B 283 5.79 22.31 19.21
C ARG B 283 5.74 22.64 20.71
N MET B 284 4.73 22.19 21.44
CA MET B 284 4.66 22.58 22.84
C MET B 284 5.83 21.99 23.57
N ALA B 285 6.12 20.75 23.27
CA ALA B 285 7.26 20.06 23.87
C ALA B 285 8.59 20.82 23.61
N LYS B 286 8.75 21.30 22.40
CA LYS B 286 9.98 21.96 22.02
C LYS B 286 10.12 23.29 22.77
N MET B 287 9.00 24.02 22.90
CA MET B 287 9.01 25.29 23.69
C MET B 287 9.30 25.03 25.14
N MET B 288 8.77 23.94 25.70
CA MET B 288 9.12 23.62 27.12
C MET B 288 10.58 23.32 27.31
N ASP B 289 11.10 22.43 26.46
CA ASP B 289 12.52 22.09 26.43
C ASP B 289 13.35 23.35 26.50
N ALA B 290 12.99 24.36 25.72
CA ALA B 290 13.81 25.58 25.79
C ALA B 290 13.63 26.27 27.12
N MET B 291 12.41 26.31 27.63
CA MET B 291 12.22 27.06 28.88
C MET B 291 12.90 26.34 30.03
N ILE B 292 12.81 25.02 30.06
CA ILE B 292 13.45 24.39 31.21
C ILE B 292 14.94 24.14 31.04
N GLY B 293 15.52 24.47 29.89
CA GLY B 293 16.93 24.23 29.68
C GLY B 293 17.24 22.78 29.38
N LYS B 294 16.24 21.94 29.09
CA LYS B 294 16.52 20.59 28.49
C LYS B 294 17.27 20.74 27.18
#